data_9G4T
#
_entry.id   9G4T
#
_cell.length_a   1.00
_cell.length_b   1.00
_cell.length_c   1.00
_cell.angle_alpha   90.00
_cell.angle_beta   90.00
_cell.angle_gamma   90.00
#
_symmetry.space_group_name_H-M   'P 1'
#
loop_
_entity.id
_entity.type
_entity.pdbx_description
1 polymer 'Immunoglobulin G-binding protein G,Carboxysome shell carbonic anhydrase'
2 non-polymer 'ZINC ION'
#
_entity_poly.entity_id   1
_entity_poly.type   'polypeptide(L)'
_entity_poly.pdbx_seq_one_letter_code
;MWSHPQFEKGGGSGGGSGGSSAWSHPQFEKYKLILNGKTLKGETTTEAVDAATAEKVFKQYANDNGVDGEWTYDDATKTF
TVTEPMSDYDIPTTENLYFQGNTRNTRSKQRAPFGVSSSVKPRLDLIEQAPNPAYDRHPACITLPERTCRHPLTDLEANE
QLGRCEDSVKNRFDRVIPFLQVVAGIPLGLDYVTRVQELAQSSLGHTLPEELLKDNWISGHNLKGIFGYATAKALTAATE
QFSRKIMSEKDDSASAIGFFLDCGFHAVDISPCADGRLKGLLPYILRLPLTAFTYRKAYAGSMFDIEDDLAQWEKNELRR
YREGVPNTADQPTRYLKIAVYHFSTSDPTHSGCAAHGSNDRAALEAALTQLMKFREAVENAHCCGASIDILLIGVDTDTD
AIRVHIPDSKGFLNPYRYVDNTVTYAQTLHLAPDEARVIIHEAILNANRSDGWAKGNGVASEGMRRFIGQLLINNLSQID
YVVNRHGGRYPPNDIGHAERYISVGDGFDEVQIRNLAYYAHLDTVEENAIDVDVGIKIFTKLNLSRGLPIPIAIHYRYDP
NVPGSRERTVVKARRIYNAIKERFSSLDEQNLLQFRLSVQAQDIGSPIEEVASA
;
_entity_poly.pdbx_strand_id   A
#
# COMPACT_ATOMS: atom_id res chain seq x y z
N THR A 148 -25.27 -3.40 16.99
CA THR A 148 -24.31 -2.81 16.08
C THR A 148 -24.55 -1.31 15.92
N CYS A 149 -24.01 -0.53 16.85
CA CYS A 149 -24.15 0.92 16.85
C CYS A 149 -22.87 1.56 16.31
N ARG A 150 -22.93 2.87 16.12
CA ARG A 150 -21.84 3.62 15.51
C ARG A 150 -20.99 4.28 16.58
N HIS A 151 -19.66 4.21 16.39
CA HIS A 151 -18.76 4.88 17.31
C HIS A 151 -18.93 6.39 17.21
N PRO A 152 -18.92 7.10 18.34
CA PRO A 152 -19.11 8.56 18.29
C PRO A 152 -18.02 9.30 17.54
N LEU A 153 -16.84 8.73 17.42
CA LEU A 153 -15.72 9.39 16.75
C LEU A 153 -15.59 9.02 15.28
N THR A 154 -16.50 8.21 14.75
CA THR A 154 -16.42 7.77 13.37
C THR A 154 -16.65 8.92 12.41
N ASP A 155 -15.87 8.96 11.34
CA ASP A 155 -16.03 9.95 10.27
C ASP A 155 -16.95 9.34 9.22
N LEU A 156 -18.25 9.66 9.31
CA LEU A 156 -19.24 8.99 8.49
C LEU A 156 -19.09 9.33 7.01
N GLU A 157 -19.02 10.61 6.67
CA GLU A 157 -18.97 10.98 5.26
C GLU A 157 -17.66 10.55 4.62
N ALA A 158 -16.55 10.63 5.36
CA ALA A 158 -15.30 10.10 4.84
C ALA A 158 -15.38 8.59 4.61
N ASN A 159 -16.02 7.87 5.52
CA ASN A 159 -16.23 6.44 5.32
C ASN A 159 -17.07 6.15 4.08
N GLU A 160 -18.14 6.91 3.87
CA GLU A 160 -18.96 6.71 2.67
C GLU A 160 -18.17 7.00 1.40
N GLN A 161 -17.38 8.08 1.41
CA GLN A 161 -16.59 8.44 0.23
C GLN A 161 -15.58 7.33 -0.07
N LEU A 162 -14.87 6.85 0.96
CA LEU A 162 -13.89 5.79 0.78
C LEU A 162 -14.54 4.51 0.26
N GLY A 163 -15.70 4.14 0.83
CA GLY A 163 -16.39 2.96 0.35
C GLY A 163 -16.83 3.09 -1.10
N ARG A 164 -17.30 4.27 -1.48
CA ARG A 164 -17.69 4.50 -2.87
C ARG A 164 -16.51 4.32 -3.80
N CYS A 165 -15.36 4.91 -3.47
CA CYS A 165 -14.19 4.75 -4.32
C CYS A 165 -13.74 3.30 -4.40
N GLU A 166 -13.70 2.60 -3.27
CA GLU A 166 -13.29 1.20 -3.27
C GLU A 166 -14.22 0.37 -4.13
N ASP A 167 -15.53 0.56 -3.98
CA ASP A 167 -16.50 -0.19 -4.76
C ASP A 167 -16.35 0.08 -6.25
N SER A 168 -16.20 1.36 -6.62
CA SER A 168 -16.10 1.69 -8.03
C SER A 168 -14.87 1.07 -8.66
N VAL A 169 -13.71 1.17 -7.98
CA VAL A 169 -12.49 0.64 -8.55
C VAL A 169 -12.56 -0.89 -8.67
N LYS A 170 -13.04 -1.55 -7.60
CA LYS A 170 -13.10 -3.00 -7.64
C LYS A 170 -14.10 -3.48 -8.69
N ASN A 171 -15.21 -2.77 -8.85
CA ASN A 171 -16.17 -3.14 -9.89
C ASN A 171 -15.57 -2.96 -11.27
N ARG A 172 -14.83 -1.87 -11.48
CA ARG A 172 -14.16 -1.68 -12.77
C ARG A 172 -13.22 -2.83 -13.08
N PHE A 173 -12.52 -3.33 -12.07
CA PHE A 173 -11.60 -4.43 -12.32
C PHE A 173 -12.33 -5.76 -12.48
N ASP A 174 -13.46 -5.93 -11.81
CA ASP A 174 -14.10 -7.24 -11.75
C ASP A 174 -15.09 -7.47 -12.88
N ARG A 175 -15.66 -6.40 -13.46
CA ARG A 175 -16.67 -6.59 -14.49
C ARG A 175 -16.09 -7.11 -15.81
N VAL A 176 -14.76 -7.20 -15.92
CA VAL A 176 -14.14 -7.66 -17.16
C VAL A 176 -14.47 -9.12 -17.41
N ILE A 177 -14.39 -9.96 -16.38
CA ILE A 177 -14.57 -11.40 -16.59
C ILE A 177 -15.95 -11.75 -17.12
N PRO A 178 -17.06 -11.25 -16.56
CA PRO A 178 -18.37 -11.57 -17.17
C PRO A 178 -18.48 -11.12 -18.61
N PHE A 179 -17.88 -9.97 -18.95
CA PHE A 179 -17.87 -9.52 -20.33
C PHE A 179 -17.12 -10.50 -21.22
N LEU A 180 -15.99 -11.01 -20.74
CA LEU A 180 -15.25 -12.01 -21.51
C LEU A 180 -16.07 -13.28 -21.70
N GLN A 181 -16.77 -13.71 -20.65
CA GLN A 181 -17.58 -14.92 -20.76
C GLN A 181 -18.71 -14.74 -21.75
N VAL A 182 -19.30 -13.54 -21.79
CA VAL A 182 -20.32 -13.27 -22.80
C VAL A 182 -19.71 -13.27 -24.19
N VAL A 183 -18.51 -12.70 -24.34
CA VAL A 183 -17.86 -12.61 -25.64
C VAL A 183 -17.57 -14.00 -26.19
N ALA A 184 -17.15 -14.93 -25.33
CA ALA A 184 -16.79 -16.26 -25.77
C ALA A 184 -17.95 -17.00 -26.42
N GLY A 185 -19.18 -16.58 -26.15
CA GLY A 185 -20.34 -17.19 -26.76
C GLY A 185 -20.79 -16.58 -28.07
N ILE A 186 -20.09 -15.57 -28.56
CA ILE A 186 -20.46 -14.90 -29.81
C ILE A 186 -19.81 -15.66 -30.96
N PRO A 187 -20.57 -16.11 -31.95
CA PRO A 187 -19.97 -16.82 -33.08
C PRO A 187 -19.05 -15.91 -33.88
N LEU A 188 -17.98 -16.51 -34.42
CA LEU A 188 -16.98 -15.75 -35.16
C LEU A 188 -17.42 -15.52 -36.60
N GLY A 189 -18.61 -15.00 -36.80
CA GLY A 189 -19.13 -14.72 -38.13
C GLY A 189 -18.65 -13.39 -38.65
N LEU A 190 -19.42 -12.85 -39.60
CA LEU A 190 -19.11 -11.54 -40.15
C LEU A 190 -19.51 -10.40 -39.22
N ASP A 191 -20.33 -10.69 -38.22
CA ASP A 191 -20.78 -9.68 -37.26
C ASP A 191 -20.03 -9.75 -35.94
N TYR A 192 -18.96 -10.55 -35.88
CA TYR A 192 -18.25 -10.74 -34.61
C TYR A 192 -17.64 -9.44 -34.12
N VAL A 193 -16.95 -8.72 -35.00
CA VAL A 193 -16.26 -7.50 -34.57
C VAL A 193 -17.25 -6.44 -34.12
N THR A 194 -18.30 -6.21 -34.91
CA THR A 194 -19.28 -5.19 -34.55
C THR A 194 -19.98 -5.53 -33.25
N ARG A 195 -20.41 -6.79 -33.10
CA ARG A 195 -21.10 -7.19 -31.87
C ARG A 195 -20.20 -7.06 -30.66
N VAL A 196 -18.93 -7.48 -30.79
CA VAL A 196 -18.01 -7.39 -29.66
C VAL A 196 -17.76 -5.93 -29.30
N GLN A 197 -17.61 -5.06 -30.31
CA GLN A 197 -17.36 -3.66 -30.03
C GLN A 197 -18.55 -3.00 -29.33
N GLU A 198 -19.77 -3.27 -29.80
CA GLU A 198 -20.93 -2.65 -29.15
C GLU A 198 -21.13 -3.21 -27.74
N LEU A 199 -20.88 -4.51 -27.56
CA LEU A 199 -20.97 -5.09 -26.22
C LEU A 199 -19.94 -4.47 -25.29
N ALA A 200 -18.72 -4.27 -25.78
CA ALA A 200 -17.68 -3.64 -24.97
C ALA A 200 -18.05 -2.21 -24.61
N GLN A 201 -18.61 -1.47 -25.56
CA GLN A 201 -19.03 -0.10 -25.27
C GLN A 201 -20.13 -0.09 -24.23
N SER A 202 -21.07 -1.04 -24.30
CA SER A 202 -22.17 -1.08 -23.34
C SER A 202 -21.70 -1.52 -21.96
N SER A 203 -20.73 -2.42 -21.89
CA SER A 203 -20.31 -2.99 -20.61
C SER A 203 -19.16 -2.25 -19.94
N LEU A 204 -18.02 -2.11 -20.62
CA LEU A 204 -16.83 -1.52 -20.04
C LEU A 204 -16.72 -0.02 -20.28
N GLY A 205 -17.65 0.57 -21.02
CA GLY A 205 -17.59 1.99 -21.28
C GLY A 205 -16.55 2.42 -22.28
N HIS A 206 -15.91 1.48 -22.97
CA HIS A 206 -14.92 1.81 -23.98
C HIS A 206 -14.91 0.70 -25.02
N THR A 207 -14.40 1.03 -26.20
CA THR A 207 -14.31 0.07 -27.29
C THR A 207 -12.96 -0.65 -27.22
N LEU A 208 -12.68 -1.48 -28.21
CA LEU A 208 -11.45 -2.23 -28.27
C LEU A 208 -10.77 -1.99 -29.62
N PRO A 209 -9.44 -2.04 -29.66
CA PRO A 209 -8.75 -1.91 -30.95
C PRO A 209 -9.12 -3.06 -31.89
N GLU A 210 -9.22 -2.74 -33.18
CA GLU A 210 -9.60 -3.75 -34.15
C GLU A 210 -8.56 -4.84 -34.28
N GLU A 211 -7.29 -4.53 -33.99
CA GLU A 211 -6.24 -5.55 -34.06
C GLU A 211 -6.49 -6.68 -33.08
N LEU A 212 -7.19 -6.40 -31.99
CA LEU A 212 -7.53 -7.45 -31.04
C LEU A 212 -8.58 -8.41 -31.59
N LEU A 213 -9.38 -7.97 -32.56
CA LEU A 213 -10.49 -8.77 -33.06
C LEU A 213 -10.45 -9.02 -34.56
N LYS A 214 -9.51 -8.42 -35.29
CA LYS A 214 -9.54 -8.49 -36.76
C LYS A 214 -9.36 -9.92 -37.25
N ASP A 215 -8.42 -10.65 -36.68
CA ASP A 215 -8.08 -11.99 -37.15
C ASP A 215 -8.54 -13.08 -36.19
N ASN A 216 -9.51 -12.78 -35.33
CA ASN A 216 -10.00 -13.78 -34.39
C ASN A 216 -10.73 -14.92 -35.08
N TRP A 217 -11.29 -14.69 -36.27
CA TRP A 217 -12.04 -15.73 -36.95
C TRP A 217 -11.17 -16.91 -37.33
N ILE A 218 -9.87 -16.69 -37.54
CA ILE A 218 -8.98 -17.75 -37.99
C ILE A 218 -8.09 -18.20 -36.82
N SER A 219 -7.80 -17.28 -35.91
CA SER A 219 -6.93 -17.58 -34.78
C SER A 219 -7.71 -17.88 -33.50
N GLY A 220 -9.03 -17.93 -33.57
CA GLY A 220 -9.85 -18.15 -32.39
C GLY A 220 -10.07 -16.87 -31.62
N HIS A 221 -10.93 -16.97 -30.60
CA HIS A 221 -11.22 -15.82 -29.76
C HIS A 221 -9.96 -15.34 -29.05
N ASN A 222 -9.72 -14.04 -29.09
CA ASN A 222 -8.56 -13.45 -28.42
C ASN A 222 -8.96 -12.96 -27.03
N LEU A 223 -9.43 -13.91 -26.22
CA LEU A 223 -9.90 -13.57 -24.89
C LEU A 223 -8.77 -13.06 -24.01
N LYS A 224 -7.58 -13.63 -24.15
CA LYS A 224 -6.45 -13.18 -23.34
C LYS A 224 -6.05 -11.76 -23.66
N GLY A 225 -5.99 -11.41 -24.96
CA GLY A 225 -5.65 -10.05 -25.32
C GLY A 225 -6.69 -9.04 -24.87
N ILE A 226 -7.97 -9.38 -25.02
CA ILE A 226 -9.03 -8.51 -24.55
C ILE A 226 -8.95 -8.35 -23.04
N PHE A 227 -8.64 -9.44 -22.33
CA PHE A 227 -8.49 -9.35 -20.88
C PHE A 227 -7.37 -8.39 -20.50
N GLY A 228 -6.22 -8.52 -21.16
CA GLY A 228 -5.11 -7.62 -20.85
C GLY A 228 -5.46 -6.17 -21.13
N TYR A 229 -6.06 -5.92 -22.30
CA TYR A 229 -6.41 -4.56 -22.65
C TYR A 229 -7.44 -3.98 -21.68
N ALA A 230 -8.45 -4.76 -21.32
CA ALA A 230 -9.48 -4.27 -20.43
C ALA A 230 -8.94 -4.02 -19.03
N THR A 231 -8.03 -4.87 -18.55
CA THR A 231 -7.43 -4.64 -17.24
C THR A 231 -6.57 -3.38 -17.25
N ALA A 232 -5.79 -3.17 -18.31
CA ALA A 232 -5.02 -1.95 -18.40
C ALA A 232 -5.93 -0.72 -18.43
N LYS A 233 -7.02 -0.80 -19.19
CA LYS A 233 -7.96 0.31 -19.24
C LYS A 233 -8.61 0.56 -17.89
N ALA A 234 -8.91 -0.50 -17.15
CA ALA A 234 -9.49 -0.33 -15.82
C ALA A 234 -8.51 0.37 -14.89
N LEU A 235 -7.24 -0.01 -14.94
CA LEU A 235 -6.24 0.65 -14.11
C LEU A 235 -6.10 2.12 -14.49
N THR A 236 -6.09 2.41 -15.80
CA THR A 236 -6.00 3.80 -16.24
C THR A 236 -7.20 4.60 -15.77
N ALA A 237 -8.40 4.02 -15.87
CA ALA A 237 -9.60 4.72 -15.43
C ALA A 237 -9.56 4.98 -13.94
N ALA A 238 -9.10 4.01 -13.15
CA ALA A 238 -9.01 4.22 -11.70
C ALA A 238 -8.05 5.35 -11.37
N THR A 239 -6.86 5.34 -11.96
CA THR A 239 -5.91 6.42 -11.70
C THR A 239 -6.44 7.78 -12.15
N GLU A 240 -7.03 7.87 -13.34
CA GLU A 240 -7.58 9.13 -13.81
C GLU A 240 -8.71 9.62 -12.94
N GLN A 241 -9.60 8.72 -12.49
CA GLN A 241 -10.67 9.11 -11.59
C GLN A 241 -10.16 9.63 -10.26
N PHE A 242 -9.11 9.02 -9.70
CA PHE A 242 -8.52 9.59 -8.50
C PHE A 242 -7.95 10.96 -8.79
N SER A 243 -7.24 11.11 -9.90
CA SER A 243 -6.66 12.40 -10.27
C SER A 243 -7.70 13.30 -10.93
N ALA A 254 -1.04 20.86 3.66
CA ALA A 254 -0.50 21.91 4.51
C ALA A 254 -0.85 21.67 5.97
N SER A 255 -2.08 21.24 6.22
CA SER A 255 -2.51 20.94 7.59
C SER A 255 -1.74 19.76 8.16
N ALA A 256 -1.48 18.74 7.33
CA ALA A 256 -0.73 17.57 7.81
C ALA A 256 0.69 17.95 8.21
N ILE A 257 1.33 18.83 7.43
CA ILE A 257 2.68 19.27 7.76
C ILE A 257 2.68 20.02 9.09
N GLY A 258 1.70 20.90 9.29
CA GLY A 258 1.60 21.61 10.55
C GLY A 258 1.36 20.67 11.73
N PHE A 259 0.51 19.67 11.53
CA PHE A 259 0.26 18.69 12.59
C PHE A 259 1.53 17.91 12.92
N PHE A 260 2.29 17.52 11.90
CA PHE A 260 3.56 16.83 12.15
C PHE A 260 4.53 17.72 12.89
N LEU A 261 4.62 18.99 12.50
CA LEU A 261 5.54 19.90 13.16
C LEU A 261 5.16 20.11 14.62
N ASP A 262 3.86 20.23 14.90
CA ASP A 262 3.42 20.38 16.28
C ASP A 262 3.74 19.16 17.12
N CYS A 263 3.79 17.99 16.50
CA CYS A 263 4.16 16.76 17.20
C CYS A 263 5.66 16.55 17.26
N GLY A 264 6.45 17.44 16.68
CA GLY A 264 7.89 17.35 16.78
C GLY A 264 8.58 16.56 15.68
N PHE A 265 7.97 16.45 14.52
CA PHE A 265 8.59 15.76 13.38
C PHE A 265 8.52 16.65 12.15
N HIS A 266 9.61 16.68 11.39
CA HIS A 266 9.65 17.40 10.13
C HIS A 266 9.49 16.49 8.92
N ALA A 267 9.33 15.19 9.14
CA ALA A 267 9.15 14.23 8.05
C ALA A 267 8.68 12.92 8.64
N VAL A 268 7.72 12.28 7.97
CA VAL A 268 7.18 11.00 8.39
C VAL A 268 7.42 10.00 7.28
N ASP A 269 8.02 8.87 7.62
CA ASP A 269 8.35 7.82 6.67
C ASP A 269 7.72 6.52 7.15
N ILE A 270 6.80 5.99 6.34
CA ILE A 270 6.08 4.77 6.66
C ILE A 270 6.54 3.67 5.70
N SER A 271 6.92 2.53 6.27
CA SER A 271 7.44 1.40 5.48
C SER A 271 6.65 0.15 5.84
N PRO A 272 5.46 0.00 5.30
CA PRO A 272 4.66 -1.19 5.58
C PRO A 272 5.13 -2.38 4.76
N CYS A 273 4.56 -3.54 5.07
CA CYS A 273 4.81 -4.72 4.27
C CYS A 273 4.21 -4.56 2.88
N ALA A 274 4.81 -5.24 1.91
CA ALA A 274 4.31 -5.21 0.55
C ALA A 274 3.04 -6.02 0.34
N ASP A 275 2.44 -6.51 1.42
CA ASP A 275 1.20 -7.27 1.30
C ASP A 275 0.10 -6.40 0.73
N GLY A 276 -0.71 -6.99 -0.14
CA GLY A 276 -1.79 -6.25 -0.75
C GLY A 276 -2.82 -5.77 0.25
N ARG A 277 -3.00 -6.51 1.35
CA ARG A 277 -3.95 -6.12 2.36
C ARG A 277 -3.54 -4.86 3.09
N LEU A 278 -2.28 -4.44 2.97
CA LEU A 278 -1.80 -3.21 3.56
C LEU A 278 -1.71 -2.07 2.55
N LYS A 279 -2.27 -2.25 1.36
CA LYS A 279 -2.13 -1.23 0.32
C LYS A 279 -2.84 0.07 0.71
N GLY A 280 -4.02 -0.03 1.32
CA GLY A 280 -4.76 1.15 1.70
C GLY A 280 -4.43 1.61 3.10
N LEU A 281 -3.20 1.40 3.54
CA LEU A 281 -2.82 1.73 4.90
C LEU A 281 -2.93 3.22 5.18
N LEU A 282 -2.50 4.06 4.24
CA LEU A 282 -2.51 5.49 4.47
C LEU A 282 -3.91 6.09 4.35
N PRO A 283 -4.65 5.88 3.25
CA PRO A 283 -5.94 6.57 3.12
C PRO A 283 -7.06 5.94 3.91
N TYR A 284 -6.95 4.66 4.28
CA TYR A 284 -8.04 3.98 4.98
C TYR A 284 -7.69 3.69 6.44
N ILE A 285 -6.61 2.98 6.69
CA ILE A 285 -6.32 2.52 8.04
C ILE A 285 -5.82 3.66 8.91
N LEU A 286 -4.91 4.48 8.40
CA LEU A 286 -4.32 5.56 9.18
C LEU A 286 -4.92 6.92 8.88
N ARG A 287 -5.61 7.07 7.75
CA ARG A 287 -6.20 8.35 7.34
C ARG A 287 -5.14 9.44 7.27
N LEU A 288 -3.96 9.09 6.78
CA LEU A 288 -2.85 10.03 6.65
C LEU A 288 -2.64 10.37 5.18
N PRO A 289 -2.85 11.62 4.76
CA PRO A 289 -2.64 11.96 3.35
C PRO A 289 -1.16 11.92 2.98
N LEU A 290 -0.91 11.64 1.71
CA LEU A 290 0.46 11.65 1.18
C LEU A 290 0.85 13.08 0.83
N THR A 291 1.81 13.62 1.56
CA THR A 291 2.26 14.99 1.37
C THR A 291 3.70 15.01 0.87
N ALA A 292 4.24 16.22 0.75
CA ALA A 292 5.62 16.38 0.30
C ALA A 292 6.62 15.87 1.32
N PHE A 293 6.20 15.67 2.57
CA PHE A 293 7.08 15.18 3.62
C PHE A 293 6.61 13.84 4.20
N THR A 294 5.62 13.21 3.58
CA THR A 294 5.16 11.89 3.96
C THR A 294 5.53 10.92 2.85
N TYR A 295 6.24 9.84 3.21
CA TYR A 295 6.72 8.87 2.25
C TYR A 295 6.20 7.49 2.60
N ARG A 296 5.96 6.69 1.57
CA ARG A 296 5.46 5.32 1.73
C ARG A 296 6.32 4.41 0.86
N LYS A 297 7.25 3.69 1.48
CA LYS A 297 8.13 2.76 0.79
C LYS A 297 7.85 1.36 1.32
N ALA A 298 7.09 0.58 0.57
CA ALA A 298 6.70 -0.75 1.00
C ALA A 298 7.72 -1.77 0.56
N TYR A 299 8.07 -2.68 1.48
CA TYR A 299 9.00 -3.75 1.20
C TYR A 299 8.43 -5.06 1.72
N ALA A 300 8.88 -6.16 1.14
CA ALA A 300 8.40 -7.48 1.55
C ALA A 300 8.83 -7.77 2.98
N GLY A 301 7.85 -8.02 3.85
CA GLY A 301 8.15 -8.27 5.24
C GLY A 301 8.60 -7.06 6.02
N SER A 302 8.29 -5.85 5.54
CA SER A 302 8.72 -4.61 6.17
C SER A 302 10.24 -4.54 6.29
N MET A 303 10.94 -5.14 5.34
CA MET A 303 12.40 -5.26 5.38
C MET A 303 13.03 -4.09 4.61
N PHE A 304 12.70 -2.88 5.02
CA PHE A 304 13.06 -1.70 4.25
C PHE A 304 14.58 -1.51 4.23
N ASP A 305 15.07 -0.93 3.13
CA ASP A 305 16.50 -0.85 2.90
C ASP A 305 17.05 0.36 3.66
N ILE A 306 18.15 0.14 4.37
CA ILE A 306 18.72 1.17 5.23
C ILE A 306 19.34 2.30 4.41
N GLU A 307 20.00 1.95 3.30
CA GLU A 307 20.79 2.95 2.58
C GLU A 307 19.92 4.05 1.99
N ASP A 308 18.81 3.68 1.33
CA ASP A 308 17.96 4.71 0.74
C ASP A 308 17.27 5.54 1.81
N ASP A 309 16.92 4.94 2.94
CA ASP A 309 16.35 5.71 4.03
C ASP A 309 17.36 6.70 4.58
N LEU A 310 18.62 6.29 4.69
CA LEU A 310 19.67 7.20 5.13
C LEU A 310 19.86 8.34 4.13
N ALA A 311 19.81 8.02 2.83
CA ALA A 311 19.92 9.05 1.82
C ALA A 311 18.78 10.04 1.90
N GLN A 312 17.55 9.54 2.12
CA GLN A 312 16.40 10.42 2.26
C GLN A 312 16.54 11.30 3.50
N TRP A 313 17.02 10.73 4.60
CA TRP A 313 17.26 11.53 5.80
C TRP A 313 18.26 12.63 5.54
N GLU A 314 19.35 12.30 4.84
CA GLU A 314 20.36 13.31 4.53
C GLU A 314 19.78 14.40 3.64
N LYS A 315 18.98 14.03 2.65
CA LYS A 315 18.37 15.03 1.77
C LYS A 315 17.44 15.96 2.55
N ASN A 316 16.61 15.38 3.43
CA ASN A 316 15.70 16.20 4.22
C ASN A 316 16.46 17.14 5.15
N GLU A 317 17.51 16.63 5.81
CA GLU A 317 18.28 17.47 6.69
C GLU A 317 19.00 18.59 5.94
N LEU A 318 19.50 18.29 4.75
CA LEU A 318 20.13 19.33 3.93
C LEU A 318 19.11 20.38 3.53
N ARG A 319 17.89 19.97 3.18
CA ARG A 319 16.86 20.93 2.85
C ARG A 319 16.52 21.81 4.05
N ARG A 320 16.48 21.22 5.24
CA ARG A 320 16.23 22.01 6.45
C ARG A 320 17.35 23.01 6.69
N TYR A 321 18.61 22.59 6.47
CA TYR A 321 19.74 23.47 6.74
C TYR A 321 19.81 24.61 5.74
N ARG A 322 19.56 24.33 4.46
CA ARG A 322 19.76 25.33 3.42
C ARG A 322 18.57 26.28 3.35
N GLU A 323 17.36 25.75 3.18
CA GLU A 323 16.17 26.57 3.03
C GLU A 323 15.23 26.49 4.22
N GLY A 324 15.28 25.42 5.01
CA GLY A 324 14.34 25.27 6.10
C GLY A 324 12.91 25.15 5.63
N VAL A 325 12.67 24.37 4.58
CA VAL A 325 11.33 24.30 4.00
C VAL A 325 10.30 23.77 4.99
N PRO A 326 10.51 22.63 5.68
CA PRO A 326 9.58 22.29 6.76
C PRO A 326 9.75 23.23 7.94
N ASN A 327 10.99 23.42 8.37
CA ASN A 327 11.32 24.32 9.46
C ASN A 327 12.82 24.51 9.46
N THR A 328 13.28 25.48 10.25
CA THR A 328 14.71 25.74 10.36
C THR A 328 15.42 24.59 11.07
N ALA A 329 16.72 24.48 10.82
CA ALA A 329 17.48 23.35 11.33
C ALA A 329 17.59 23.38 12.85
N ASP A 330 17.52 24.56 13.46
CA ASP A 330 17.68 24.65 14.91
C ASP A 330 16.45 24.15 15.67
N GLN A 331 15.33 23.96 15.00
CA GLN A 331 14.15 23.43 15.68
C GLN A 331 14.41 22.00 16.15
N PRO A 332 13.95 21.64 17.33
CA PRO A 332 14.22 20.31 17.89
C PRO A 332 13.25 19.23 17.41
N THR A 333 13.00 19.21 16.11
CA THR A 333 12.18 18.17 15.51
C THR A 333 13.07 17.04 15.01
N ARG A 334 12.46 15.88 14.80
CA ARG A 334 13.18 14.68 14.41
C ARG A 334 12.55 14.09 13.15
N TYR A 335 13.24 13.10 12.59
CA TYR A 335 12.76 12.36 11.44
C TYR A 335 12.09 11.09 11.96
N LEU A 336 10.82 10.91 11.60
CA LEU A 336 10.01 9.81 12.13
C LEU A 336 9.94 8.69 11.11
N LYS A 337 10.32 7.49 11.53
CA LYS A 337 10.27 6.31 10.69
C LYS A 337 9.30 5.32 11.32
N ILE A 338 8.27 4.95 10.56
CA ILE A 338 7.23 4.04 11.03
C ILE A 338 7.35 2.73 10.27
N ALA A 339 7.38 1.62 11.01
CA ALA A 339 7.39 0.29 10.42
C ALA A 339 6.09 -0.40 10.76
N VAL A 340 5.44 -0.99 9.75
CA VAL A 340 4.13 -1.60 9.91
C VAL A 340 4.24 -3.08 9.56
N TYR A 341 3.89 -3.93 10.51
CA TYR A 341 3.73 -5.36 10.27
C TYR A 341 2.26 -5.72 10.33
N HIS A 342 1.93 -6.92 9.87
CA HIS A 342 0.54 -7.33 9.80
C HIS A 342 0.38 -8.75 10.34
N PHE A 343 -0.82 -9.04 10.80
CA PHE A 343 -1.16 -10.35 11.35
C PHE A 343 -2.64 -10.60 11.16
N SER A 344 -3.04 -11.86 11.27
CA SER A 344 -4.43 -12.27 11.12
C SER A 344 -4.90 -12.91 12.42
N THR A 345 -5.99 -12.39 12.98
CA THR A 345 -6.53 -12.97 14.20
C THR A 345 -7.23 -14.29 13.93
N SER A 346 -8.02 -14.35 12.85
CA SER A 346 -8.81 -15.55 12.58
C SER A 346 -7.92 -16.72 12.15
N ASP A 347 -6.96 -16.46 11.28
CA ASP A 347 -6.08 -17.51 10.75
C ASP A 347 -4.63 -17.07 10.92
N PRO A 348 -4.11 -17.12 12.16
CA PRO A 348 -2.74 -16.65 12.39
C PRO A 348 -1.69 -17.44 11.64
N THR A 349 -1.90 -18.73 11.41
CA THR A 349 -0.86 -19.59 10.85
C THR A 349 -0.89 -19.67 9.33
N HIS A 350 -1.87 -19.06 8.67
CA HIS A 350 -1.95 -19.15 7.23
C HIS A 350 -2.15 -17.78 6.57
N SER A 351 -2.72 -16.84 7.32
CA SER A 351 -3.01 -15.51 6.79
C SER A 351 -2.13 -14.44 7.40
N GLY A 352 -0.97 -14.80 7.90
CA GLY A 352 -0.01 -13.85 8.44
C GLY A 352 0.92 -13.33 7.37
N CYS A 353 2.07 -12.82 7.81
CA CYS A 353 3.07 -12.32 6.88
C CYS A 353 3.76 -13.50 6.22
N ALA A 354 3.52 -13.67 4.92
CA ALA A 354 4.12 -14.78 4.19
C ALA A 354 5.64 -14.67 4.12
N ALA A 355 6.19 -13.47 4.26
CA ALA A 355 7.64 -13.30 4.26
C ALA A 355 8.29 -13.91 5.49
N HIS A 356 7.50 -14.21 6.53
CA HIS A 356 8.02 -14.77 7.77
C HIS A 356 7.28 -16.05 8.14
N GLY A 357 6.71 -16.73 7.16
CA GLY A 357 5.99 -17.97 7.42
C GLY A 357 4.77 -17.80 8.29
N SER A 358 4.07 -16.67 8.15
CA SER A 358 2.84 -16.40 8.92
C SER A 358 3.08 -16.46 10.43
N ASN A 359 4.27 -16.09 10.87
CA ASN A 359 4.60 -16.05 12.28
C ASN A 359 4.53 -14.61 12.77
N ASP A 360 3.61 -14.33 13.69
CA ASP A 360 3.37 -12.95 14.11
C ASP A 360 4.58 -12.37 14.83
N ARG A 361 5.12 -13.12 15.79
CA ARG A 361 6.25 -12.61 16.55
C ARG A 361 7.50 -12.47 15.69
N ALA A 362 7.66 -13.35 14.69
CA ALA A 362 8.80 -13.22 13.78
C ALA A 362 8.71 -11.91 12.99
N ALA A 363 7.53 -11.61 12.47
CA ALA A 363 7.36 -10.34 11.75
C ALA A 363 7.58 -9.16 12.68
N LEU A 364 7.07 -9.23 13.91
CA LEU A 364 7.26 -8.15 14.87
C LEU A 364 8.73 -7.91 15.13
N GLU A 365 9.49 -8.97 15.41
CA GLU A 365 10.90 -8.79 15.74
C GLU A 365 11.70 -8.38 14.52
N ALA A 366 11.32 -8.83 13.33
CA ALA A 366 12.02 -8.38 12.13
C ALA A 366 11.83 -6.89 11.91
N ALA A 367 10.60 -6.40 12.05
CA ALA A 367 10.35 -4.97 11.90
C ALA A 367 11.08 -4.18 12.98
N LEU A 368 11.06 -4.65 14.22
CA LEU A 368 11.75 -3.94 15.29
C LEU A 368 13.25 -3.91 15.06
N THR A 369 13.82 -5.04 14.61
CA THR A 369 15.25 -5.09 14.33
C THR A 369 15.62 -4.13 13.21
N GLN A 370 14.79 -4.06 12.16
CA GLN A 370 15.08 -3.14 11.08
C GLN A 370 15.02 -1.69 11.54
N LEU A 371 14.03 -1.36 12.38
CA LEU A 371 13.95 0.00 12.93
C LEU A 371 15.19 0.32 13.76
N MET A 372 15.61 -0.63 14.60
CA MET A 372 16.78 -0.41 15.44
C MET A 372 18.03 -0.24 14.58
N LYS A 373 18.16 -1.06 13.54
CA LYS A 373 19.31 -0.95 12.64
C LYS A 373 19.33 0.41 11.95
N PHE A 374 18.18 0.89 11.49
CA PHE A 374 18.14 2.19 10.84
C PHE A 374 18.52 3.30 11.81
N ARG A 375 18.01 3.23 13.05
CA ARG A 375 18.35 4.25 14.03
C ARG A 375 19.85 4.26 14.32
N GLU A 376 20.44 3.07 14.51
CA GLU A 376 21.85 2.99 14.80
C GLU A 376 22.71 3.41 13.61
N ALA A 377 22.25 3.12 12.39
CA ALA A 377 22.99 3.57 11.21
C ALA A 377 22.97 5.08 11.10
N VAL A 378 21.82 5.71 11.38
CA VAL A 378 21.77 7.17 11.37
C VAL A 378 22.70 7.74 12.43
N GLU A 379 22.71 7.13 13.62
CA GLU A 379 23.57 7.61 14.69
C GLU A 379 25.05 7.47 14.33
N ASN A 380 25.42 6.35 13.69
CA ASN A 380 26.82 6.12 13.38
C ASN A 380 27.29 6.99 12.22
N ALA A 381 26.47 7.16 11.20
CA ALA A 381 26.90 7.86 10.00
C ALA A 381 27.11 9.35 10.23
N HIS A 382 26.46 9.94 11.22
CA HIS A 382 26.54 11.38 11.44
C HIS A 382 26.78 11.67 12.91
N CYS A 383 27.55 12.72 13.16
CA CYS A 383 27.92 13.14 14.50
C CYS A 383 27.06 14.33 14.94
N CYS A 384 27.44 14.95 16.06
CA CYS A 384 26.64 15.97 16.74
C CYS A 384 25.32 15.42 17.23
N GLY A 385 25.29 14.14 17.58
CA GLY A 385 24.10 13.54 18.17
C GLY A 385 22.89 13.52 17.25
N ALA A 386 23.09 13.30 15.96
CA ALA A 386 21.97 13.14 15.05
C ALA A 386 21.24 11.84 15.35
N SER A 387 19.91 11.90 15.36
CA SER A 387 19.11 10.73 15.68
C SER A 387 17.73 10.88 15.05
N ILE A 388 16.95 9.80 15.12
CA ILE A 388 15.62 9.74 14.55
C ILE A 388 14.68 9.11 15.56
N ASP A 389 13.38 9.28 15.32
CA ASP A 389 12.35 8.64 16.10
C ASP A 389 11.78 7.45 15.33
N ILE A 390 11.48 6.38 16.06
CA ILE A 390 10.99 5.14 15.45
C ILE A 390 9.65 4.80 16.05
N LEU A 391 8.74 4.30 15.21
CA LEU A 391 7.42 3.86 15.64
C LEU A 391 7.11 2.51 14.99
N LEU A 392 6.44 1.65 15.75
CA LEU A 392 6.06 0.31 15.29
C LEU A 392 4.56 0.16 15.38
N ILE A 393 3.95 -0.33 14.30
CA ILE A 393 2.51 -0.51 14.20
C ILE A 393 2.22 -1.88 13.64
N GLY A 394 1.28 -2.59 14.26
CA GLY A 394 0.78 -3.86 13.74
C GLY A 394 -0.66 -3.71 13.29
N VAL A 395 -1.00 -4.37 12.20
CA VAL A 395 -2.32 -4.24 11.59
C VAL A 395 -2.95 -5.63 11.53
N ASP A 396 -4.16 -5.76 12.06
CA ASP A 396 -4.94 -6.98 11.94
C ASP A 396 -5.73 -6.91 10.64
N THR A 397 -5.31 -7.68 9.64
CA THR A 397 -5.89 -7.57 8.31
C THR A 397 -7.35 -8.01 8.28
N ASP A 398 -7.82 -8.72 9.30
CA ASP A 398 -9.22 -9.15 9.33
C ASP A 398 -10.15 -8.00 9.70
N THR A 399 -9.71 -7.12 10.59
CA THR A 399 -10.55 -6.03 11.07
C THR A 399 -9.96 -4.66 10.79
N ASP A 400 -8.77 -4.58 10.19
CA ASP A 400 -8.11 -3.30 9.90
C ASP A 400 -7.92 -2.47 11.16
N ALA A 401 -7.54 -3.14 12.25
CA ALA A 401 -7.28 -2.48 13.53
C ALA A 401 -5.79 -2.49 13.82
N ILE A 402 -5.29 -1.37 14.36
CA ILE A 402 -3.86 -1.20 14.60
C ILE A 402 -3.58 -1.30 16.08
N ARG A 403 -2.45 -1.93 16.40
CA ARG A 403 -1.83 -1.83 17.71
C ARG A 403 -0.52 -1.08 17.56
N VAL A 404 -0.37 -0.01 18.33
CA VAL A 404 0.78 0.89 18.22
C VAL A 404 1.68 0.65 19.43
N HIS A 405 2.95 0.35 19.15
CA HIS A 405 3.91 0.11 20.22
C HIS A 405 4.43 1.46 20.70
N ILE A 406 4.14 1.80 21.95
CA ILE A 406 4.50 3.11 22.50
C ILE A 406 5.98 3.11 22.88
N PRO A 407 6.77 4.05 22.36
CA PRO A 407 8.15 4.17 22.82
C PRO A 407 8.23 4.76 24.21
N ASP A 408 9.33 4.46 24.89
CA ASP A 408 9.58 5.02 26.21
C ASP A 408 10.18 6.41 26.07
N SER A 409 10.72 6.95 27.16
CA SER A 409 11.25 8.30 27.14
C SER A 409 12.43 8.43 26.19
N LYS A 410 13.26 7.40 26.08
CA LYS A 410 14.42 7.43 25.19
C LYS A 410 14.09 6.99 23.77
N GLY A 411 12.88 6.52 23.51
CA GLY A 411 12.48 6.13 22.18
C GLY A 411 12.56 4.65 21.88
N PHE A 412 13.02 3.83 22.82
CA PHE A 412 13.09 2.39 22.58
C PHE A 412 11.71 1.79 22.57
N LEU A 413 11.55 0.72 21.79
CA LEU A 413 10.26 0.06 21.61
C LEU A 413 10.27 -1.33 22.23
N ASN A 414 9.17 -1.68 22.87
CA ASN A 414 9.00 -2.99 23.47
C ASN A 414 7.96 -3.77 22.69
N PRO A 415 8.25 -5.01 22.29
CA PRO A 415 7.26 -5.80 21.55
C PRO A 415 5.99 -6.08 22.35
N TYR A 416 6.03 -5.86 23.65
CA TYR A 416 4.88 -6.11 24.51
C TYR A 416 4.20 -4.85 25.02
N ARG A 417 4.83 -3.69 24.92
CA ARG A 417 4.22 -2.44 25.37
C ARG A 417 3.54 -1.79 24.17
N TYR A 418 2.22 -1.91 24.09
CA TYR A 418 1.49 -1.35 22.97
C TYR A 418 0.05 -1.07 23.38
N VAL A 419 -0.60 -0.23 22.59
CA VAL A 419 -2.02 0.06 22.72
C VAL A 419 -2.73 -0.61 21.55
N ASP A 420 -3.70 -1.46 21.87
CA ASP A 420 -4.50 -2.15 20.86
C ASP A 420 -5.81 -1.41 20.65
N ASN A 421 -6.15 -1.16 19.39
CA ASN A 421 -7.33 -0.36 19.09
C ASN A 421 -8.63 -1.17 19.11
N THR A 422 -8.56 -2.50 19.09
CA THR A 422 -9.77 -3.30 19.18
C THR A 422 -10.42 -3.14 20.54
N VAL A 423 -9.65 -3.32 21.61
CA VAL A 423 -10.19 -3.14 22.95
C VAL A 423 -10.55 -1.68 23.18
N THR A 424 -9.82 -0.76 22.56
CA THR A 424 -10.16 0.66 22.68
C THR A 424 -11.52 0.95 22.05
N TYR A 425 -11.77 0.39 20.87
CA TYR A 425 -13.07 0.55 20.22
C TYR A 425 -14.17 -0.10 21.06
N ALA A 426 -13.88 -1.26 21.64
CA ALA A 426 -14.87 -1.92 22.47
C ALA A 426 -15.23 -1.09 23.69
N GLN A 427 -14.23 -0.49 24.35
CA GLN A 427 -14.47 0.23 25.59
C GLN A 427 -14.83 1.69 25.39
N THR A 428 -14.76 2.22 24.17
CA THR A 428 -15.15 3.60 23.90
C THR A 428 -16.40 3.68 23.03
N LEU A 429 -17.09 2.55 22.80
CA LEU A 429 -18.20 2.55 21.86
C LEU A 429 -19.37 3.37 22.36
N HIS A 430 -19.71 3.26 23.64
CA HIS A 430 -20.92 3.84 24.19
C HIS A 430 -20.71 5.18 24.87
N LEU A 431 -19.50 5.71 24.86
CA LEU A 431 -19.23 6.99 25.51
C LEU A 431 -19.41 8.13 24.51
N ALA A 432 -19.00 9.33 24.90
CA ALA A 432 -19.14 10.53 24.10
C ALA A 432 -17.77 10.97 23.59
N PRO A 433 -17.72 11.76 22.49
CA PRO A 433 -16.44 12.12 21.88
C PRO A 433 -15.35 12.59 22.84
N ASP A 434 -15.65 13.61 23.64
CA ASP A 434 -14.63 14.15 24.55
C ASP A 434 -14.19 13.12 25.58
N GLU A 435 -15.14 12.36 26.11
CA GLU A 435 -14.80 11.30 27.05
C GLU A 435 -13.95 10.22 26.38
N ALA A 436 -14.25 9.88 25.13
CA ALA A 436 -13.43 8.89 24.42
C ALA A 436 -12.02 9.41 24.19
N ARG A 437 -11.88 10.70 23.87
CA ARG A 437 -10.56 11.29 23.72
C ARG A 437 -9.80 11.26 25.04
N VAL A 438 -10.48 11.58 26.14
CA VAL A 438 -9.84 11.44 27.44
C VAL A 438 -9.39 10.01 27.66
N ILE A 439 -10.25 9.05 27.29
CA ILE A 439 -9.93 7.64 27.51
C ILE A 439 -8.67 7.25 26.75
N ILE A 440 -8.56 7.64 25.48
CA ILE A 440 -7.40 7.16 24.72
C ILE A 440 -6.15 7.89 25.18
N HIS A 441 -6.30 9.16 25.61
CA HIS A 441 -5.16 9.91 26.12
C HIS A 441 -4.59 9.26 27.36
N GLU A 442 -5.46 8.86 28.29
CA GLU A 442 -4.94 8.17 29.47
C GLU A 442 -4.48 6.76 29.15
N ALA A 443 -5.14 6.08 28.20
CA ALA A 443 -4.78 4.70 27.90
C ALA A 443 -3.37 4.61 27.34
N ILE A 444 -2.99 5.57 26.51
CA ILE A 444 -1.59 5.63 26.06
C ILE A 444 -0.66 5.69 27.26
N LEU A 445 -1.00 6.52 28.24
CA LEU A 445 -0.14 6.68 29.42
C LEU A 445 -0.06 5.40 30.23
N ASN A 446 -1.20 4.73 30.48
CA ASN A 446 -1.15 3.51 31.28
C ASN A 446 -0.37 2.42 30.55
N ALA A 447 -0.55 2.31 29.23
CA ALA A 447 0.20 1.31 28.49
C ALA A 447 1.69 1.61 28.53
N ASN A 448 2.07 2.89 28.45
CA ASN A 448 3.48 3.24 28.44
C ASN A 448 4.09 3.11 29.83
N ARG A 449 3.29 3.24 30.88
CA ARG A 449 3.76 3.10 32.25
C ARG A 449 3.59 1.70 32.81
N SER A 450 3.04 0.77 32.03
CA SER A 450 2.84 -0.59 32.51
C SER A 450 4.18 -1.26 32.77
N ASP A 451 4.17 -2.24 33.66
CA ASP A 451 5.37 -2.95 34.07
C ASP A 451 5.26 -4.42 33.69
N GLY A 452 6.24 -5.20 34.11
CA GLY A 452 6.33 -6.60 33.73
C GLY A 452 7.15 -6.77 32.45
N TRP A 453 6.56 -7.39 31.44
CA TRP A 453 7.20 -7.48 30.14
C TRP A 453 7.22 -6.15 29.40
N ALA A 454 6.35 -5.21 29.78
CA ALA A 454 6.27 -3.90 29.16
C ALA A 454 7.05 -2.84 29.94
N LYS A 455 8.07 -3.25 30.69
CA LYS A 455 8.85 -2.33 31.51
C LYS A 455 9.59 -1.34 30.63
N GLY A 456 9.29 -0.06 30.78
CA GLY A 456 9.93 0.98 29.99
C GLY A 456 10.43 2.11 30.86
N ASN A 457 11.52 2.74 30.40
CA ASN A 457 12.15 3.80 31.16
C ASN A 457 11.51 5.12 30.76
N GLY A 458 10.78 5.73 31.70
CA GLY A 458 10.16 7.01 31.44
C GLY A 458 8.90 6.90 30.62
N VAL A 459 8.41 8.06 30.18
CA VAL A 459 7.20 8.14 29.37
C VAL A 459 7.52 8.87 28.07
N ALA A 460 6.74 8.57 27.05
CA ALA A 460 6.94 9.17 25.74
C ALA A 460 6.62 10.66 25.78
N SER A 461 7.21 11.39 24.84
CA SER A 461 7.05 12.84 24.80
C SER A 461 5.60 13.21 24.47
N GLU A 462 5.30 14.51 24.62
CA GLU A 462 3.97 14.99 24.31
C GLU A 462 3.64 14.82 22.84
N GLY A 463 4.59 15.13 21.96
CA GLY A 463 4.35 14.99 20.53
C GLY A 463 4.10 13.55 20.13
N MET A 464 4.90 12.62 20.66
CA MET A 464 4.69 11.20 20.37
C MET A 464 3.31 10.74 20.80
N ARG A 465 2.91 11.09 22.02
CA ARG A 465 1.61 10.65 22.52
C ARG A 465 0.47 11.28 21.74
N ARG A 466 0.60 12.56 21.37
CA ARG A 466 -0.44 13.20 20.57
C ARG A 466 -0.56 12.55 19.20
N PHE A 467 0.58 12.24 18.57
CA PHE A 467 0.57 11.58 17.27
C PHE A 467 -0.08 10.20 17.37
N ILE A 468 0.26 9.44 18.40
CA ILE A 468 -0.31 8.10 18.54
C ILE A 468 -1.81 8.18 18.82
N GLY A 469 -2.23 9.15 19.63
CA GLY A 469 -3.65 9.33 19.88
C GLY A 469 -4.42 9.69 18.62
N GLN A 470 -3.85 10.58 17.80
CA GLN A 470 -4.50 10.91 16.55
C GLN A 470 -4.58 9.69 15.63
N LEU A 471 -3.51 8.88 15.61
CA LEU A 471 -3.53 7.67 14.80
C LEU A 471 -4.64 6.72 15.26
N LEU A 472 -4.78 6.53 16.56
CA LEU A 472 -5.82 5.64 17.07
C LEU A 472 -7.21 6.18 16.76
N ILE A 473 -7.41 7.49 16.92
CA ILE A 473 -8.70 8.09 16.61
C ILE A 473 -9.02 7.89 15.13
N ASN A 474 -8.04 8.08 14.26
CA ASN A 474 -8.27 7.86 12.84
C ASN A 474 -8.61 6.41 12.54
N ASN A 475 -7.89 5.47 13.18
CA ASN A 475 -8.15 4.06 12.93
C ASN A 475 -9.51 3.62 13.46
N LEU A 476 -10.06 4.34 14.43
CA LEU A 476 -11.42 4.03 14.89
C LEU A 476 -12.42 4.13 13.75
N SER A 477 -12.28 5.16 12.91
CA SER A 477 -13.18 5.31 11.77
C SER A 477 -13.06 4.13 10.81
N GLN A 478 -11.84 3.64 10.57
CA GLN A 478 -11.67 2.51 9.68
C GLN A 478 -12.27 1.24 10.29
N ILE A 479 -12.12 1.05 11.59
CA ILE A 479 -12.75 -0.09 12.25
C ILE A 479 -14.26 -0.03 12.07
N ASP A 480 -14.84 1.17 12.26
CA ASP A 480 -16.28 1.34 12.07
C ASP A 480 -16.67 1.08 10.62
N TYR A 481 -15.83 1.51 9.68
CA TYR A 481 -16.10 1.29 8.26
C TYR A 481 -16.16 -0.20 7.94
N VAL A 482 -15.19 -0.96 8.45
CA VAL A 482 -15.20 -2.40 8.21
C VAL A 482 -16.42 -3.05 8.86
N VAL A 483 -16.75 -2.60 10.07
CA VAL A 483 -17.92 -3.15 10.76
C VAL A 483 -19.19 -2.91 9.96
N ASN A 484 -19.34 -1.70 9.41
CA ASN A 484 -20.52 -1.39 8.62
C ASN A 484 -20.57 -2.21 7.34
N ARG A 485 -19.46 -2.25 6.60
CA ARG A 485 -19.51 -2.82 5.26
C ARG A 485 -19.53 -4.35 5.27
N HIS A 486 -18.89 -4.99 6.26
CA HIS A 486 -18.76 -6.44 6.23
C HIS A 486 -19.17 -7.10 7.54
N GLY A 487 -19.87 -6.38 8.41
CA GLY A 487 -20.33 -6.97 9.66
C GLY A 487 -19.22 -7.34 10.62
N GLY A 488 -18.19 -6.51 10.72
CA GLY A 488 -17.15 -6.69 11.72
C GLY A 488 -15.92 -7.45 11.27
N ARG A 489 -15.99 -8.15 10.14
CA ARG A 489 -14.84 -8.90 9.66
C ARG A 489 -14.95 -9.07 8.15
N TYR A 490 -13.80 -9.09 7.49
CA TYR A 490 -13.79 -9.24 6.04
C TYR A 490 -14.31 -10.63 5.66
N PRO A 491 -14.95 -10.74 4.50
CA PRO A 491 -15.44 -12.04 4.05
C PRO A 491 -14.29 -13.00 3.82
N PRO A 492 -14.55 -14.31 3.88
CA PRO A 492 -13.44 -15.28 3.74
C PRO A 492 -12.65 -15.12 2.45
N ASN A 493 -13.29 -14.72 1.36
CA ASN A 493 -12.55 -14.47 0.13
C ASN A 493 -11.63 -13.27 0.28
N ASP A 494 -12.01 -12.28 1.09
CA ASP A 494 -11.20 -11.09 1.29
C ASP A 494 -10.10 -11.28 2.33
N ILE A 495 -10.14 -12.36 3.10
CA ILE A 495 -9.12 -12.56 4.13
C ILE A 495 -7.78 -12.87 3.51
N GLY A 496 -7.76 -13.72 2.49
CA GLY A 496 -6.54 -14.14 1.83
C GLY A 496 -6.19 -13.25 0.65
N HIS A 497 -5.59 -13.86 -0.35
CA HIS A 497 -5.17 -13.14 -1.55
C HIS A 497 -6.35 -12.98 -2.50
N ALA A 498 -6.63 -11.74 -2.89
CA ALA A 498 -7.68 -11.44 -3.85
C ALA A 498 -7.23 -10.35 -4.83
N GLU A 499 -5.93 -10.26 -5.09
CA GLU A 499 -5.41 -9.20 -5.92
C GLU A 499 -5.83 -9.36 -7.37
N ARG A 500 -5.88 -8.25 -8.09
CA ARG A 500 -6.32 -8.24 -9.48
C ARG A 500 -5.17 -8.17 -10.47
N TYR A 501 -4.02 -7.63 -10.08
CA TYR A 501 -2.88 -7.52 -10.97
C TYR A 501 -1.62 -7.43 -10.14
N ILE A 502 -0.48 -7.58 -10.80
CA ILE A 502 0.82 -7.50 -10.15
C ILE A 502 1.44 -6.16 -10.46
N SER A 503 1.71 -5.36 -9.42
CA SER A 503 2.32 -4.06 -9.56
C SER A 503 3.83 -4.21 -9.38
N VAL A 504 4.61 -3.78 -10.36
CA VAL A 504 6.06 -3.89 -10.33
C VAL A 504 6.67 -2.52 -10.48
N GLY A 505 7.54 -2.15 -9.56
CA GLY A 505 8.21 -0.87 -9.61
C GLY A 505 7.95 -0.02 -8.40
N ASP A 506 7.53 1.23 -8.61
CA ASP A 506 7.24 2.15 -7.53
C ASP A 506 5.79 2.10 -7.07
N GLY A 507 4.92 1.37 -7.78
CA GLY A 507 3.53 1.30 -7.41
C GLY A 507 2.77 2.57 -7.75
N PHE A 508 1.47 2.53 -7.53
CA PHE A 508 0.59 3.66 -7.79
C PHE A 508 0.12 4.25 -6.47
N ASP A 509 0.20 5.56 -6.36
CA ASP A 509 -0.30 6.28 -5.19
C ASP A 509 -1.77 6.65 -5.33
N GLU A 510 -2.42 6.26 -6.42
CA GLU A 510 -3.79 6.63 -6.70
C GLU A 510 -4.78 5.50 -6.46
N VAL A 511 -4.31 4.27 -6.31
CA VAL A 511 -5.20 3.12 -6.16
C VAL A 511 -4.91 2.41 -4.85
N GLN A 512 -4.60 3.18 -3.80
CA GLN A 512 -4.28 2.61 -2.50
C GLN A 512 -5.56 2.03 -1.90
N ILE A 513 -5.90 0.83 -2.35
CA ILE A 513 -7.09 0.12 -1.92
C ILE A 513 -6.68 -1.27 -1.45
N ARG A 514 -7.27 -1.72 -0.36
CA ARG A 514 -6.89 -3.00 0.24
C ARG A 514 -7.12 -4.15 -0.72
N ASN A 515 -6.12 -5.02 -0.83
CA ASN A 515 -6.20 -6.27 -1.58
C ASN A 515 -6.58 -6.04 -3.04
N LEU A 516 -6.03 -4.98 -3.63
CA LEU A 516 -6.27 -4.69 -5.04
C LEU A 516 -5.15 -5.20 -5.93
N ALA A 517 -3.90 -5.11 -5.50
CA ALA A 517 -2.79 -5.53 -6.34
C ALA A 517 -1.68 -6.10 -5.47
N TYR A 518 -0.90 -7.01 -6.06
CA TYR A 518 0.29 -7.53 -5.42
C TYR A 518 1.47 -6.66 -5.84
N TYR A 519 2.18 -6.10 -4.87
CA TYR A 519 3.23 -5.13 -5.13
C TYR A 519 4.59 -5.76 -4.92
N ALA A 520 5.49 -5.57 -5.89
CA ALA A 520 6.85 -6.10 -5.84
C ALA A 520 7.81 -4.94 -6.04
N HIS A 521 8.26 -4.35 -4.93
CA HIS A 521 9.19 -3.23 -4.98
C HIS A 521 10.54 -3.72 -5.47
N LEU A 522 10.88 -3.38 -6.72
CA LEU A 522 12.16 -3.81 -7.27
C LEU A 522 12.56 -2.89 -8.40
N ASP A 523 13.85 -2.62 -8.50
CA ASP A 523 14.41 -1.92 -9.66
C ASP A 523 15.04 -2.87 -10.67
N THR A 524 15.33 -4.11 -10.26
CA THR A 524 15.90 -5.11 -11.14
C THR A 524 15.34 -6.47 -10.79
N VAL A 525 15.02 -7.26 -11.81
CA VAL A 525 14.56 -8.62 -11.56
C VAL A 525 15.67 -9.46 -10.95
N GLU A 526 16.92 -9.20 -11.34
CA GLU A 526 18.04 -9.96 -10.80
C GLU A 526 18.15 -9.79 -9.28
N GLU A 527 17.91 -8.57 -8.79
CA GLU A 527 18.07 -8.31 -7.36
C GLU A 527 16.94 -8.91 -6.54
N ASN A 528 15.71 -8.80 -7.01
CA ASN A 528 14.53 -9.18 -6.24
C ASN A 528 13.65 -10.15 -7.03
N ALA A 529 14.28 -11.19 -7.58
CA ALA A 529 13.51 -12.18 -8.34
C ALA A 529 12.48 -12.88 -7.48
N ILE A 530 12.75 -13.04 -6.19
CA ILE A 530 11.88 -13.84 -5.33
C ILE A 530 10.51 -13.19 -5.20
N ASP A 531 10.44 -11.86 -5.24
CA ASP A 531 9.14 -11.19 -5.23
C ASP A 531 8.34 -11.55 -6.47
N VAL A 532 8.99 -11.56 -7.63
CA VAL A 532 8.30 -11.91 -8.87
C VAL A 532 7.82 -13.35 -8.82
N ASP A 533 8.66 -14.26 -8.32
CA ASP A 533 8.24 -15.66 -8.23
C ASP A 533 7.06 -15.80 -7.27
N VAL A 534 7.08 -15.08 -6.15
CA VAL A 534 5.97 -15.16 -5.20
C VAL A 534 4.68 -14.66 -5.85
N GLY A 535 4.76 -13.54 -6.58
CA GLY A 535 3.58 -13.04 -7.25
C GLY A 535 3.04 -13.98 -8.30
N ILE A 536 3.94 -14.59 -9.08
CA ILE A 536 3.51 -15.53 -10.10
C ILE A 536 2.87 -16.76 -9.45
N LYS A 537 3.43 -17.21 -8.34
CA LYS A 537 2.84 -18.35 -7.63
C LYS A 537 1.46 -18.00 -7.10
N ILE A 538 1.28 -16.79 -6.58
CA ILE A 538 -0.02 -16.38 -6.08
C ILE A 538 -1.04 -16.35 -7.21
N PHE A 539 -0.67 -15.74 -8.33
CA PHE A 539 -1.62 -15.61 -9.43
C PHE A 539 -1.81 -16.90 -10.20
N THR A 540 -0.93 -17.89 -10.02
CA THR A 540 -1.19 -19.20 -10.59
C THR A 540 -2.45 -19.81 -10.00
N LYS A 541 -2.62 -19.69 -8.68
CA LYS A 541 -3.86 -20.12 -8.06
C LYS A 541 -4.99 -19.13 -8.31
N LEU A 542 -4.68 -17.83 -8.26
CA LEU A 542 -5.73 -16.82 -8.39
C LEU A 542 -6.30 -16.77 -9.79
N ASN A 543 -5.43 -16.77 -10.81
CA ASN A 543 -5.87 -16.54 -12.18
C ASN A 543 -5.63 -17.74 -13.09
N LEU A 544 -4.43 -18.32 -13.09
CA LEU A 544 -4.12 -19.39 -14.02
C LEU A 544 -4.99 -20.62 -13.78
N SER A 545 -5.53 -20.80 -12.58
CA SER A 545 -6.46 -21.89 -12.33
C SER A 545 -7.73 -21.72 -13.17
N ARG A 546 -8.19 -20.48 -13.34
CA ARG A 546 -9.35 -20.18 -14.15
C ARG A 546 -9.02 -20.01 -15.62
N GLY A 547 -7.75 -20.13 -16.00
CA GLY A 547 -7.35 -19.97 -17.38
C GLY A 547 -7.09 -18.55 -17.81
N LEU A 548 -7.27 -17.57 -16.93
CA LEU A 548 -7.04 -16.18 -17.29
C LEU A 548 -5.55 -15.85 -17.24
N PRO A 549 -5.10 -14.92 -18.07
CA PRO A 549 -3.70 -14.49 -18.00
C PRO A 549 -3.45 -13.60 -16.80
N ILE A 550 -2.18 -13.43 -16.48
CA ILE A 550 -1.75 -12.61 -15.35
C ILE A 550 -1.48 -11.19 -15.85
N PRO A 551 -2.17 -10.18 -15.34
CA PRO A 551 -1.86 -8.80 -15.72
C PRO A 551 -0.81 -8.18 -14.81
N ILE A 552 0.14 -7.49 -15.43
CA ILE A 552 1.28 -6.90 -14.75
C ILE A 552 1.42 -5.44 -15.18
N ALA A 553 1.46 -4.54 -14.21
CA ALA A 553 1.65 -3.13 -14.45
C ALA A 553 3.04 -2.75 -13.95
N ILE A 554 3.93 -2.43 -14.88
CA ILE A 554 5.28 -1.96 -14.54
C ILE A 554 5.21 -0.45 -14.52
N HIS A 555 5.23 0.13 -13.32
CA HIS A 555 5.12 1.57 -13.16
C HIS A 555 6.36 2.11 -12.47
N TYR A 556 6.84 3.25 -12.95
CA TYR A 556 8.02 3.86 -12.35
C TYR A 556 7.89 5.36 -12.26
N ARG A 557 8.58 5.95 -11.30
CA ARG A 557 8.60 7.39 -11.08
C ARG A 557 9.97 7.95 -11.43
N TYR A 558 9.97 9.16 -11.98
CA TYR A 558 11.20 9.83 -12.38
C TYR A 558 11.17 11.28 -11.91
N ASP A 559 12.35 11.86 -11.79
CA ASP A 559 12.47 13.25 -11.37
C ASP A 559 12.70 14.14 -12.58
N PRO A 560 11.75 15.00 -12.95
CA PRO A 560 11.97 15.86 -14.13
C PRO A 560 13.10 16.85 -13.97
N ASN A 561 13.49 17.17 -12.73
CA ASN A 561 14.59 18.12 -12.53
C ASN A 561 15.90 17.57 -13.07
N VAL A 562 16.16 16.29 -12.85
CA VAL A 562 17.38 15.65 -13.35
C VAL A 562 17.27 15.48 -14.85
N PRO A 563 18.17 16.05 -15.64
CA PRO A 563 18.08 15.89 -17.10
C PRO A 563 18.24 14.42 -17.50
N GLY A 564 17.49 14.03 -18.52
CA GLY A 564 17.57 12.66 -19.02
C GLY A 564 16.98 11.62 -18.11
N SER A 565 16.22 12.01 -17.09
CA SER A 565 15.69 11.04 -16.14
C SER A 565 14.55 10.23 -16.75
N ARG A 566 13.68 10.88 -17.53
CA ARG A 566 12.54 10.18 -18.09
C ARG A 566 12.97 9.10 -19.06
N GLU A 567 13.95 9.38 -19.90
CA GLU A 567 14.43 8.38 -20.86
C GLU A 567 15.07 7.20 -20.14
N ARG A 568 15.85 7.47 -19.11
CA ARG A 568 16.44 6.39 -18.31
C ARG A 568 15.36 5.55 -17.65
N THR A 569 14.32 6.20 -17.13
CA THR A 569 13.24 5.46 -16.50
C THR A 569 12.49 4.60 -17.50
N VAL A 570 12.25 5.11 -18.71
CA VAL A 570 11.58 4.31 -19.73
C VAL A 570 12.44 3.12 -20.12
N VAL A 571 13.75 3.34 -20.25
CA VAL A 571 14.66 2.24 -20.55
C VAL A 571 14.61 1.20 -19.43
N LYS A 572 14.59 1.64 -18.18
CA LYS A 572 14.50 0.71 -17.06
C LYS A 572 13.21 -0.08 -17.10
N ALA A 573 12.09 0.58 -17.42
CA ALA A 573 10.82 -0.11 -17.49
C ALA A 573 10.84 -1.18 -18.59
N ARG A 574 11.37 -0.84 -19.76
CA ARG A 574 11.46 -1.83 -20.83
C ARG A 574 12.39 -2.98 -20.46
N ARG A 575 13.48 -2.67 -19.77
CA ARG A 575 14.40 -3.71 -19.33
C ARG A 575 13.72 -4.66 -18.35
N ILE A 576 12.95 -4.11 -17.40
CA ILE A 576 12.22 -4.94 -16.45
C ILE A 576 11.20 -5.80 -17.18
N TYR A 577 10.50 -5.21 -18.15
CA TYR A 577 9.51 -5.97 -18.91
C TYR A 577 10.15 -7.12 -19.65
N ASN A 578 11.30 -6.87 -20.29
CA ASN A 578 11.98 -7.95 -21.01
C ASN A 578 12.50 -9.02 -20.06
N ALA A 579 13.03 -8.62 -18.90
CA ALA A 579 13.53 -9.59 -17.93
C ALA A 579 12.41 -10.47 -17.40
N ILE A 580 11.26 -9.88 -17.08
CA ILE A 580 10.12 -10.69 -16.66
C ILE A 580 9.62 -11.54 -17.82
N LYS A 581 9.83 -11.09 -19.06
CA LYS A 581 9.42 -11.89 -20.20
C LYS A 581 10.27 -13.15 -20.36
N GLU A 582 11.60 -12.99 -20.26
CA GLU A 582 12.47 -14.14 -20.49
C GLU A 582 12.37 -15.15 -19.36
N ARG A 583 12.18 -14.70 -18.13
CA ARG A 583 11.72 -15.57 -17.07
C ARG A 583 10.26 -15.90 -17.31
N PHE A 584 9.83 -17.07 -16.82
CA PHE A 584 8.46 -17.54 -17.08
C PHE A 584 8.15 -17.53 -18.57
N SER A 585 9.13 -17.96 -19.38
CA SER A 585 8.94 -17.94 -20.83
C SER A 585 7.83 -18.89 -21.26
N SER A 586 7.60 -19.95 -20.49
CA SER A 586 6.47 -20.83 -20.79
C SER A 586 5.15 -20.10 -20.67
N LEU A 587 5.00 -19.27 -19.64
CA LEU A 587 3.81 -18.44 -19.52
C LEU A 587 3.73 -17.40 -20.62
N ASP A 588 4.88 -16.90 -21.07
CA ASP A 588 4.90 -15.92 -22.15
C ASP A 588 4.42 -16.52 -23.46
N GLU A 589 4.87 -17.74 -23.77
CA GLU A 589 4.51 -18.35 -25.05
C GLU A 589 3.03 -18.62 -25.14
N GLN A 590 2.35 -18.82 -24.01
CA GLN A 590 0.93 -19.08 -23.98
C GLN A 590 0.11 -17.80 -23.86
N ASN A 591 0.75 -16.64 -23.95
CA ASN A 591 0.08 -15.34 -23.83
C ASN A 591 -0.60 -15.20 -22.47
N LEU A 592 -0.05 -15.84 -21.46
CA LEU A 592 -0.61 -15.78 -20.11
C LEU A 592 -0.07 -14.62 -19.29
N LEU A 593 0.80 -13.80 -19.87
CA LEU A 593 1.31 -12.60 -19.22
C LEU A 593 0.94 -11.40 -20.08
N GLN A 594 0.20 -10.47 -19.50
CA GLN A 594 -0.14 -9.22 -20.15
C GLN A 594 0.54 -8.08 -19.39
N PHE A 595 1.05 -7.09 -20.11
CA PHE A 595 1.86 -6.05 -19.52
C PHE A 595 1.32 -4.67 -19.88
N ARG A 596 1.52 -3.72 -18.96
CA ARG A 596 1.38 -2.32 -19.28
C ARG A 596 2.47 -1.54 -18.58
N LEU A 597 3.15 -0.67 -19.32
CA LEU A 597 4.30 0.07 -18.82
C LEU A 597 3.96 1.54 -18.70
N SER A 598 4.23 2.13 -17.53
CA SER A 598 3.88 3.52 -17.28
C SER A 598 4.95 4.21 -16.47
N VAL A 599 5.09 5.51 -16.71
CA VAL A 599 6.01 6.36 -15.96
C VAL A 599 5.24 7.56 -15.41
N GLN A 600 5.81 8.18 -14.40
CA GLN A 600 5.16 9.31 -13.75
C GLN A 600 6.21 10.19 -13.09
N ALA A 601 5.98 11.50 -13.13
CA ALA A 601 6.87 12.41 -12.42
C ALA A 601 6.73 12.20 -10.92
N GLN A 602 7.82 12.45 -10.20
CA GLN A 602 7.84 12.16 -8.77
C GLN A 602 6.93 13.08 -7.97
N ASP A 603 6.50 14.20 -8.55
CA ASP A 603 5.62 15.11 -7.83
C ASP A 603 4.24 14.48 -7.65
N ILE A 604 3.61 14.82 -6.53
CA ILE A 604 2.30 14.27 -6.21
C ILE A 604 1.26 14.84 -7.17
N GLY A 605 0.43 13.96 -7.72
CA GLY A 605 -0.59 14.38 -8.65
C GLY A 605 -0.14 14.50 -10.09
N SER A 606 1.08 14.07 -10.40
CA SER A 606 1.57 14.16 -11.77
C SER A 606 0.81 13.18 -12.65
N PRO A 607 0.64 13.50 -13.93
CA PRO A 607 -0.04 12.58 -14.85
C PRO A 607 0.78 11.32 -15.08
N ILE A 608 0.07 10.23 -15.36
CA ILE A 608 0.69 8.94 -15.67
C ILE A 608 0.76 8.80 -17.17
N GLU A 609 1.95 8.51 -17.69
CA GLU A 609 2.18 8.41 -19.12
C GLU A 609 2.46 6.95 -19.48
N GLU A 610 1.65 6.41 -20.38
CA GLU A 610 1.89 5.08 -20.91
C GLU A 610 3.07 5.10 -21.87
N VAL A 611 3.83 4.00 -21.86
CA VAL A 611 4.93 3.85 -22.79
C VAL A 611 4.77 2.53 -23.54
N ALA A 612 5.32 2.47 -24.74
CA ALA A 612 5.23 1.25 -25.54
C ALA A 612 6.16 0.19 -24.97
N SER A 613 5.72 -1.07 -25.07
CA SER A 613 6.53 -2.16 -24.56
C SER A 613 7.83 -2.35 -25.33
N ALA A 614 7.89 -1.85 -26.56
CA ALA A 614 9.10 -1.96 -27.36
C ALA A 614 9.61 -0.60 -27.80
#